data_3MEM
#
_entry.id   3MEM
#
_cell.length_a   148.670
_cell.length_b   53.070
_cell.length_c   69.560
_cell.angle_alpha   90.000
_cell.angle_beta   90.000
_cell.angle_gamma   90.000
#
_symmetry.space_group_name_H-M   'P 21 21 2'
#
loop_
_entity.id
_entity.type
_entity.pdbx_description
1 polymer 'Putative signal transduction protein'
2 non-polymer 'FORMIC ACID'
3 non-polymer 1,2-ETHANEDIOL
4 water water
#
_entity_poly.entity_id   1
_entity_poly.type   'polypeptide(L)'
_entity_poly.pdbx_seq_one_letter_code
;G(MSE)ELPVVVQQALGDNAPGVSFRSVSQIDTGHLLR(MSE)VLLSDDQGNLQAICRRND(MSE)LDLEALNKRLGRDL
R(MSE)(MSE)QRREQVRVRQKAGLQELPALPSLTGWPTVVDRRVDELEAVALELGEQDLGL(MSE)(MSE)PAEDFRQL
TAKAARHDFAVDTANISVNLDNHAADRDQLHSAIKRFTGLRIQQRLEDTLELPPLPETAQRIIHLRVNPNAV(MSE)GDL
VDVVESDPSLAAQVVSWASSSFYAAAGRVHSVHDAVSRVLGFDLV(MSE)NLA(MSE)GLALGRALKHPQDHPDGYVDYW
QQAIWQAQSAGILAS(MSE)(MSE)PRGQRPLFGLAYLAGLLHNFGHLVLAQVFPPHFKLVCRSLEVSPHIDSSVIEHYL
LGITREQIAAQL(MSE)ENWG(MSE)PDEVTLAIRYQKNPAYDGPHNVYARLLWLGRQLLTERGVALGAGESATQAVYDE
LGLDRELVQEQFDELVRRKDSI(MSE)A(MSE)AG(MSE)(MSE)SQGG
;
_entity_poly.pdbx_strand_id   A
#
# COMPACT_ATOMS: atom_id res chain seq x y z
N GLU A 3 -30.07 25.05 0.36
CA GLU A 3 -28.71 24.65 -0.08
C GLU A 3 -28.23 23.31 0.59
N LEU A 4 -27.96 23.34 1.91
CA LEU A 4 -27.32 22.17 2.65
C LEU A 4 -28.21 20.94 2.98
N PRO A 5 -27.67 19.70 2.88
CA PRO A 5 -28.48 18.50 3.22
C PRO A 5 -29.06 18.58 4.63
N VAL A 6 -30.28 18.09 4.82
CA VAL A 6 -30.97 18.29 6.10
C VAL A 6 -30.19 17.75 7.30
N VAL A 7 -29.47 16.65 7.11
CA VAL A 7 -28.66 16.09 8.22
C VAL A 7 -27.48 17.00 8.64
N VAL A 8 -26.86 17.69 7.68
CA VAL A 8 -25.77 18.62 7.98
C VAL A 8 -26.35 19.87 8.67
N GLN A 9 -27.44 20.41 8.15
CA GLN A 9 -28.12 21.51 8.85
C GLN A 9 -28.36 21.14 10.31
N GLN A 10 -28.96 19.97 10.53
CA GLN A 10 -29.25 19.53 11.88
C GLN A 10 -27.95 19.52 12.70
N ALA A 11 -26.84 19.10 12.11
CA ALA A 11 -25.56 18.96 12.83
C ALA A 11 -24.95 20.31 13.17
N LEU A 12 -25.13 21.29 12.27
CA LEU A 12 -24.66 22.64 12.50
C LEU A 12 -25.49 23.39 13.56
N GLY A 13 -26.80 23.14 13.63
CA GLY A 13 -27.67 23.88 14.55
C GLY A 13 -27.51 25.40 14.34
N ASP A 14 -27.49 26.16 15.44
CA ASP A 14 -27.29 27.61 15.35
C ASP A 14 -25.86 28.01 15.69
N ASN A 15 -24.94 27.04 15.63
CA ASN A 15 -23.53 27.23 16.03
C ASN A 15 -22.59 27.62 14.89
N ALA A 16 -23.10 27.75 13.66
CA ALA A 16 -22.25 28.08 12.53
C ALA A 16 -22.84 29.17 11.64
N PRO A 17 -22.71 30.43 12.09
CA PRO A 17 -23.20 31.57 11.29
C PRO A 17 -22.31 31.92 10.10
N GLY A 18 -21.00 31.61 10.19
CA GLY A 18 -20.03 31.85 9.13
C GLY A 18 -19.73 30.68 8.21
N VAL A 19 -20.64 29.69 8.16
CA VAL A 19 -20.48 28.50 7.32
C VAL A 19 -20.70 28.87 5.83
N SER A 20 -19.80 28.43 4.97
CA SER A 20 -19.81 28.75 3.55
C SER A 20 -19.84 27.46 2.75
N PHE A 21 -20.97 27.18 2.09
CA PHE A 21 -21.19 25.92 1.35
C PHE A 21 -20.82 26.11 -0.12
N ARG A 22 -19.58 25.80 -0.45
CA ARG A 22 -19.01 26.03 -1.76
C ARG A 22 -18.32 24.77 -2.30
N SER A 23 -17.97 24.79 -3.59
CA SER A 23 -17.17 23.74 -4.24
C SER A 23 -15.76 23.74 -3.63
N VAL A 24 -15.28 22.57 -3.17
CA VAL A 24 -13.88 22.42 -2.69
C VAL A 24 -12.95 22.75 -3.84
N SER A 25 -11.95 23.58 -3.58
CA SER A 25 -11.17 24.17 -4.66
C SER A 25 -9.73 24.38 -4.26
N GLN A 26 -9.01 25.12 -5.12
CA GLN A 26 -7.61 25.48 -4.93
C GLN A 26 -7.31 26.20 -3.59
N ILE A 27 -8.33 26.67 -2.84
CA ILE A 27 -8.13 27.09 -1.43
C ILE A 27 -7.56 25.86 -0.68
N ASP A 28 -6.35 26.03 -0.15
CA ASP A 28 -5.45 24.94 0.23
C ASP A 28 -6.09 23.64 0.69
N THR A 29 -5.53 22.52 0.21
CA THR A 29 -5.76 21.19 0.79
C THR A 29 -5.34 21.17 2.29
N GLY A 30 -4.52 22.17 2.66
CA GLY A 30 -4.08 22.38 4.04
C GLY A 30 -5.12 22.92 5.00
N HIS A 31 -6.30 23.27 4.53
CA HIS A 31 -7.38 23.69 5.43
C HIS A 31 -8.38 22.56 5.76
N LEU A 32 -8.22 21.41 5.12
CA LEU A 32 -9.21 20.34 5.26
C LEU A 32 -9.04 19.56 6.57
N LEU A 33 -10.18 19.21 7.16
CA LEU A 33 -10.23 18.38 8.36
C LEU A 33 -10.76 17.00 8.00
N ARG A 34 -10.60 16.05 8.91
CA ARG A 34 -10.95 14.64 8.67
C ARG A 34 -11.37 14.10 10.03
N VAL A 36 -12.12 10.64 12.09
CA VAL A 36 -11.94 9.19 11.99
C VAL A 36 -12.83 8.53 13.07
N LEU A 37 -13.54 7.48 12.67
CA LEU A 37 -14.44 6.79 13.59
C LEU A 37 -13.65 5.67 14.22
N LEU A 38 -13.61 5.65 15.54
CA LEU A 38 -12.78 4.66 16.24
C LEU A 38 -13.62 3.93 17.24
N SER A 39 -13.11 2.80 17.71
CA SER A 39 -13.73 2.12 18.85
C SER A 39 -12.80 1.18 19.57
N ASP A 40 -13.23 0.81 20.78
CA ASP A 40 -12.67 -0.28 21.58
C ASP A 40 -13.79 -0.90 22.44
N ASP A 41 -13.43 -1.75 23.42
CA ASP A 41 -14.39 -2.41 24.31
CA ASP A 41 -14.40 -2.42 24.30
C ASP A 41 -15.20 -1.42 25.16
N GLN A 42 -14.61 -0.27 25.46
CA GLN A 42 -15.34 0.77 26.23
C GLN A 42 -16.33 1.59 25.40
N GLY A 43 -16.32 1.46 24.08
CA GLY A 43 -17.24 2.24 23.23
C GLY A 43 -16.63 2.98 22.06
N ASN A 44 -17.43 3.84 21.47
CA ASN A 44 -17.09 4.55 20.24
C ASN A 44 -16.53 5.93 20.49
N LEU A 45 -15.66 6.38 19.59
CA LEU A 45 -15.03 7.70 19.70
C LEU A 45 -14.60 8.23 18.35
N GLN A 46 -14.77 9.54 18.13
CA GLN A 46 -14.38 10.15 16.88
C GLN A 46 -13.22 11.15 17.08
N ALA A 47 -12.23 11.05 16.21
CA ALA A 47 -11.02 11.84 16.39
C ALA A 47 -10.92 12.79 15.20
N ILE A 48 -10.74 14.08 15.45
CA ILE A 48 -10.68 15.05 14.35
C ILE A 48 -9.28 15.58 14.19
N CYS A 49 -8.75 15.58 12.97
CA CYS A 49 -7.41 16.03 12.72
C CYS A 49 -7.29 16.62 11.33
N ARG A 50 -6.19 17.32 11.08
CA ARG A 50 -5.99 17.84 9.74
C ARG A 50 -5.95 16.68 8.74
N ARG A 51 -6.59 16.88 7.60
CA ARG A 51 -6.74 15.80 6.62
C ARG A 51 -5.44 15.12 6.33
N ASN A 52 -4.42 15.90 5.98
CA ASN A 52 -3.17 15.35 5.47
C ASN A 52 -2.23 14.89 6.57
N ASP A 53 -2.57 15.14 7.82
CA ASP A 53 -1.77 14.62 8.93
C ASP A 53 -2.01 13.14 9.12
N LEU A 55 -2.57 10.08 11.75
CA LEU A 55 -3.11 9.89 13.10
C LEU A 55 -2.19 8.90 13.80
N ASP A 56 -1.68 9.26 14.99
CA ASP A 56 -0.85 8.38 15.81
C ASP A 56 -1.72 7.79 16.91
N LEU A 57 -2.33 6.65 16.60
CA LEU A 57 -3.25 5.90 17.48
C LEU A 57 -2.60 5.59 18.84
N GLU A 58 -1.35 5.16 18.79
CA GLU A 58 -0.53 4.90 19.98
C GLU A 58 -0.55 6.10 20.91
N ALA A 59 -0.35 7.30 20.36
CA ALA A 59 -0.30 8.53 21.15
C ALA A 59 -1.66 8.79 21.76
N LEU A 60 -2.72 8.65 20.94
CA LEU A 60 -4.09 8.88 21.35
C LEU A 60 -4.50 7.87 22.43
N ASN A 61 -4.17 6.62 22.22
CA ASN A 61 -4.54 5.59 23.20
C ASN A 61 -3.88 5.79 24.57
N LYS A 62 -2.57 6.00 24.60
CA LYS A 62 -1.87 6.32 25.87
C LYS A 62 -2.51 7.53 26.52
N ARG A 63 -2.77 8.54 25.73
CA ARG A 63 -3.31 9.77 26.23
C ARG A 63 -4.67 9.60 26.89
N LEU A 64 -5.51 8.73 26.34
CA LEU A 64 -6.89 8.54 26.83
C LEU A 64 -7.04 7.31 27.71
N GLY A 65 -6.01 6.50 27.80
CA GLY A 65 -6.06 5.25 28.53
C GLY A 65 -7.01 4.27 27.88
N ARG A 66 -6.96 4.17 26.55
CA ARG A 66 -7.85 3.31 25.76
C ARG A 66 -7.12 2.41 24.77
N ASP A 67 -7.88 1.66 23.98
CA ASP A 67 -7.31 0.71 23.03
C ASP A 67 -8.04 0.80 21.73
N LEU A 68 -8.22 2.03 21.29
CA LEU A 68 -8.94 2.35 20.09
C LEU A 68 -8.29 1.84 18.83
N ARG A 69 -9.15 1.55 17.86
CA ARG A 69 -8.72 1.16 16.54
C ARG A 69 -9.84 1.54 15.58
N GLN A 72 -15.25 -0.81 13.21
CA GLN A 72 -15.57 -1.90 12.31
C GLN A 72 -16.40 -1.37 11.14
N ARG A 73 -16.03 -1.84 9.95
CA ARG A 73 -16.59 -1.39 8.68
C ARG A 73 -18.13 -1.35 8.63
N ARG A 74 -18.73 -2.41 9.11
CA ARG A 74 -20.16 -2.57 9.15
C ARG A 74 -20.83 -1.42 9.87
N GLU A 75 -20.26 -1.00 10.99
CA GLU A 75 -20.83 0.09 11.78
C GLU A 75 -20.63 1.44 11.09
N GLN A 76 -19.55 1.56 10.33
CA GLN A 76 -19.26 2.85 9.67
C GLN A 76 -20.18 2.98 8.50
N VAL A 77 -20.42 1.86 7.84
CA VAL A 77 -21.37 1.81 6.74
C VAL A 77 -22.73 2.20 7.23
N ARG A 78 -23.11 1.70 8.41
CA ARG A 78 -24.41 1.97 8.96
C ARG A 78 -24.57 3.44 9.23
N VAL A 79 -23.61 4.05 9.89
CA VAL A 79 -23.78 5.42 10.31
C VAL A 79 -23.76 6.37 9.10
N ARG A 80 -22.93 6.08 8.10
CA ARG A 80 -22.91 6.85 6.87
C ARG A 80 -24.13 6.62 5.97
N GLN A 81 -24.68 5.41 5.95
CA GLN A 81 -25.87 5.22 5.11
C GLN A 81 -27.02 6.02 5.67
N LYS A 82 -27.14 6.08 7.01
CA LYS A 82 -28.24 6.77 7.66
C LYS A 82 -28.10 8.25 7.36
N ALA A 83 -26.89 8.77 7.46
CA ALA A 83 -26.68 10.18 7.14
C ALA A 83 -26.82 10.50 5.66
N GLY A 84 -26.82 9.49 4.78
CA GLY A 84 -26.85 9.74 3.33
C GLY A 84 -25.58 10.38 2.77
N LEU A 85 -24.45 10.16 3.42
CA LEU A 85 -23.19 10.79 3.03
C LEU A 85 -22.15 9.71 2.73
N GLN A 86 -21.27 9.98 1.77
CA GLN A 86 -20.19 9.03 1.41
C GLN A 86 -19.06 9.03 2.43
N GLU A 87 -18.86 10.16 3.11
CA GLU A 87 -17.90 10.28 4.23
C GLU A 87 -18.47 11.27 5.27
N LEU A 88 -18.33 10.96 6.56
CA LEU A 88 -18.88 11.85 7.56
C LEU A 88 -17.89 12.98 7.74
N PRO A 89 -18.33 14.23 7.53
CA PRO A 89 -17.46 15.35 7.79
C PRO A 89 -17.28 15.57 9.27
N ALA A 90 -16.34 16.44 9.63
CA ALA A 90 -15.95 16.66 11.02
C ALA A 90 -16.95 17.49 11.79
N LEU A 91 -18.18 17.01 11.90
CA LEU A 91 -19.23 17.62 12.71
C LEU A 91 -19.65 16.61 13.76
N PRO A 92 -19.26 16.83 15.02
CA PRO A 92 -19.45 15.80 16.03
C PRO A 92 -20.88 15.33 16.29
N SER A 93 -21.83 16.26 16.22
CA SER A 93 -23.24 15.93 16.51
C SER A 93 -23.89 15.08 15.41
N LEU A 94 -23.22 14.84 14.27
CA LEU A 94 -23.75 13.86 13.34
C LEU A 94 -23.94 12.50 14.08
N THR A 95 -23.02 12.10 14.96
CA THR A 95 -23.17 10.84 15.68
C THR A 95 -23.46 11.03 17.16
N GLY A 96 -23.04 12.17 17.71
CA GLY A 96 -23.13 12.38 19.14
C GLY A 96 -22.10 11.64 19.97
N TRP A 97 -21.18 10.94 19.32
CA TRP A 97 -20.19 10.12 20.00
C TRP A 97 -19.13 11.00 20.67
N PRO A 98 -18.48 10.50 21.70
CA PRO A 98 -17.36 11.25 22.26
C PRO A 98 -16.31 11.60 21.19
N THR A 99 -15.76 12.81 21.29
CA THR A 99 -14.98 13.41 20.23
C THR A 99 -13.73 14.03 20.81
N VAL A 100 -12.63 13.92 20.08
CA VAL A 100 -11.40 14.65 20.44
C VAL A 100 -10.88 15.38 19.21
N VAL A 101 -10.15 16.47 19.44
CA VAL A 101 -9.53 17.25 18.37
C VAL A 101 -8.03 17.36 18.61
N ASP A 102 -7.22 17.06 17.60
CA ASP A 102 -5.79 17.23 17.67
C ASP A 102 -5.45 18.73 17.64
N ARG A 103 -4.47 19.17 18.45
CA ARG A 103 -4.28 20.63 18.60
C ARG A 103 -3.86 21.36 17.34
N ARG A 104 -3.28 20.68 16.36
CA ARG A 104 -2.95 21.37 15.11
C ARG A 104 -4.19 21.97 14.43
N VAL A 105 -5.36 21.36 14.63
CA VAL A 105 -6.61 21.79 13.97
C VAL A 105 -6.93 23.20 14.42
N ASP A 106 -6.69 23.48 15.69
CA ASP A 106 -7.01 24.81 16.22
C ASP A 106 -6.11 25.97 15.77
N GLU A 107 -4.94 25.63 15.25
CA GLU A 107 -4.00 26.61 14.72
C GLU A 107 -4.49 27.22 13.41
N LEU A 108 -5.39 26.52 12.71
CA LEU A 108 -5.94 27.07 11.47
C LEU A 108 -6.95 28.23 11.73
N GLU A 109 -6.89 29.26 10.88
CA GLU A 109 -7.81 30.41 10.98
CA GLU A 109 -7.79 30.43 10.94
C GLU A 109 -9.19 30.05 10.43
N ALA A 110 -9.21 29.27 9.34
CA ALA A 110 -10.45 28.75 8.74
C ALA A 110 -10.28 27.25 8.46
N VAL A 111 -11.39 26.50 8.55
CA VAL A 111 -11.36 25.04 8.33
C VAL A 111 -12.28 24.63 7.17
N ALA A 112 -11.86 23.63 6.38
CA ALA A 112 -12.68 23.07 5.30
C ALA A 112 -13.12 21.63 5.62
N LEU A 113 -14.41 21.34 5.52
CA LEU A 113 -14.91 19.95 5.68
C LEU A 113 -15.32 19.42 4.31
N GLU A 114 -15.08 18.15 4.05
CA GLU A 114 -15.53 17.53 2.80
C GLU A 114 -16.81 16.75 3.13
N LEU A 115 -17.82 16.88 2.27
CA LEU A 115 -19.09 16.13 2.42
C LEU A 115 -19.07 14.74 1.73
N GLY A 116 -17.87 14.31 1.30
CA GLY A 116 -17.65 13.02 0.66
C GLY A 116 -17.43 13.09 -0.84
N GLU A 117 -18.52 13.25 -1.61
CA GLU A 117 -18.51 12.97 -3.06
C GLU A 117 -18.92 14.09 -4.00
N GLN A 118 -19.88 14.94 -3.59
CA GLN A 118 -20.49 15.93 -4.52
C GLN A 118 -19.47 16.98 -5.04
N ASP A 119 -18.20 16.86 -4.61
CA ASP A 119 -17.12 17.83 -4.84
C ASP A 119 -17.38 19.13 -4.06
N LEU A 120 -18.43 19.12 -3.24
CA LEU A 120 -18.82 20.25 -2.46
C LEU A 120 -18.22 20.07 -1.05
N GLY A 121 -18.11 21.19 -0.35
CA GLY A 121 -17.54 21.21 1.00
C GLY A 121 -18.00 22.44 1.76
N LEU A 122 -17.69 22.45 3.05
CA LEU A 122 -18.06 23.54 3.93
C LEU A 122 -16.78 24.17 4.42
N PRO A 125 -15.13 29.70 9.76
CA PRO A 125 -14.09 30.32 10.57
C PRO A 125 -13.76 29.53 11.82
N ALA A 126 -12.51 29.59 12.25
CA ALA A 126 -12.05 28.91 13.45
C ALA A 126 -13.05 29.03 14.63
N GLU A 127 -13.56 30.25 14.86
CA GLU A 127 -14.51 30.49 15.98
C GLU A 127 -15.70 29.56 15.88
N ASP A 128 -16.22 29.34 14.67
CA ASP A 128 -17.41 28.47 14.48
C ASP A 128 -17.08 27.00 14.76
N PHE A 129 -15.92 26.55 14.28
CA PHE A 129 -15.48 25.20 14.56
C PHE A 129 -15.30 25.00 16.05
N ARG A 130 -14.76 25.99 16.75
CA ARG A 130 -14.57 25.92 18.19
CA ARG A 130 -14.57 25.88 18.18
C ARG A 130 -15.89 25.74 18.92
N GLN A 131 -16.94 26.37 18.41
CA GLN A 131 -18.26 26.25 18.99
C GLN A 131 -18.83 24.85 18.74
N LEU A 132 -18.66 24.32 17.54
CA LEU A 132 -19.14 22.97 17.22
C LEU A 132 -18.42 21.88 17.97
N THR A 133 -17.22 22.20 18.47
CA THR A 133 -16.40 21.23 19.19
C THR A 133 -16.09 21.74 20.61
N ALA A 134 -17.00 22.50 21.21
CA ALA A 134 -16.72 23.09 22.52
C ALA A 134 -16.39 22.06 23.61
N LYS A 135 -16.87 20.83 23.47
CA LYS A 135 -16.74 19.81 24.50
C LYS A 135 -15.81 18.67 24.08
N ALA A 136 -15.26 18.77 22.88
CA ALA A 136 -14.28 17.83 22.44
C ALA A 136 -12.95 18.18 23.11
N ALA A 137 -12.39 17.27 23.91
CA ALA A 137 -11.08 17.47 24.49
C ALA A 137 -10.00 17.59 23.40
N ARG A 138 -8.99 18.40 23.67
CA ARG A 138 -7.82 18.58 22.80
C ARG A 138 -6.66 17.72 23.31
N HIS A 139 -5.88 17.19 22.40
CA HIS A 139 -4.74 16.35 22.70
C HIS A 139 -3.82 16.40 21.53
N ASP A 140 -2.59 15.92 21.71
CA ASP A 140 -1.64 15.84 20.62
C ASP A 140 -1.56 14.39 20.16
N PHE A 141 -2.10 14.14 18.97
CA PHE A 141 -2.10 12.84 18.41
C PHE A 141 -2.03 12.74 16.90
N ALA A 142 -1.85 13.87 16.20
CA ALA A 142 -1.70 13.84 14.75
C ALA A 142 -0.35 14.42 14.35
N VAL A 143 0.30 13.80 13.36
CA VAL A 143 1.68 14.11 13.03
C VAL A 143 1.78 14.71 11.66
N ASP A 144 2.45 15.86 11.55
CA ASP A 144 2.83 16.46 10.26
C ASP A 144 3.87 15.58 9.52
N THR A 145 3.46 15.04 8.39
CA THR A 145 4.30 14.10 7.67
CA THR A 145 4.27 14.15 7.53
C THR A 145 5.55 14.71 6.99
N ALA A 146 5.65 16.02 6.88
CA ALA A 146 6.84 16.65 6.28
C ALA A 146 8.07 16.36 7.14
N ASN A 147 7.87 16.12 8.44
CA ASN A 147 9.00 15.78 9.37
C ASN A 147 9.36 14.29 9.43
N ILE A 148 8.62 13.44 8.72
CA ILE A 148 8.96 12.02 8.68
C ILE A 148 9.87 11.78 7.45
N SER A 149 11.15 11.56 7.69
CA SER A 149 12.15 11.51 6.61
C SER A 149 12.34 10.13 6.03
N VAL A 150 11.35 9.67 5.28
CA VAL A 150 11.43 8.39 4.59
C VAL A 150 12.67 8.42 3.67
N ASN A 151 13.47 7.35 3.71
CA ASN A 151 14.65 7.27 2.92
C ASN A 151 14.28 6.88 1.51
N LEU A 152 14.09 7.89 0.67
CA LEU A 152 13.68 7.71 -0.71
C LEU A 152 14.81 7.79 -1.74
N ASP A 153 15.96 8.31 -1.35
CA ASP A 153 17.03 8.57 -2.30
C ASP A 153 18.42 8.24 -1.81
N ASN A 154 18.55 7.47 -0.72
CA ASN A 154 19.85 7.20 -0.11
C ASN A 154 20.10 5.77 0.28
N HIS A 155 20.17 4.90 -0.73
CA HIS A 155 20.42 3.47 -0.54
CA HIS A 155 20.40 3.47 -0.50
C HIS A 155 21.68 3.21 0.29
N ALA A 156 22.64 4.11 0.21
CA ALA A 156 23.92 3.91 0.90
C ALA A 156 23.74 3.72 2.41
N ALA A 157 22.77 4.41 3.00
CA ALA A 157 22.43 4.30 4.40
C ALA A 157 21.51 3.09 4.74
N ASP A 158 20.98 2.37 3.75
CA ASP A 158 20.07 1.26 4.03
C ASP A 158 20.61 0.21 5.04
N ARG A 159 21.80 -0.32 4.82
CA ARG A 159 22.38 -1.37 5.67
C ARG A 159 22.39 -0.94 7.13
N ASP A 160 22.84 0.28 7.39
CA ASP A 160 22.89 0.77 8.74
C ASP A 160 21.52 1.08 9.34
N GLN A 161 20.59 1.54 8.53
CA GLN A 161 19.29 1.87 9.09
C GLN A 161 18.54 0.57 9.41
N LEU A 162 18.69 -0.44 8.56
CA LEU A 162 18.06 -1.76 8.78
C LEU A 162 18.66 -2.42 10.03
N HIS A 163 19.97 -2.46 10.13
CA HIS A 163 20.64 -2.92 11.33
C HIS A 163 20.23 -2.21 12.61
N SER A 164 20.12 -0.89 12.58
CA SER A 164 19.69 -0.20 13.77
CA SER A 164 19.66 -0.17 13.75
C SER A 164 18.29 -0.61 14.15
N ALA A 165 17.41 -0.78 13.15
CA ALA A 165 16.04 -1.11 13.44
C ALA A 165 15.96 -2.52 14.05
N ILE A 166 16.74 -3.45 13.51
CA ILE A 166 16.78 -4.81 14.00
C ILE A 166 17.30 -4.83 15.43
N LYS A 167 18.38 -4.09 15.71
CA LYS A 167 18.98 -4.04 17.06
C LYS A 167 18.00 -3.51 18.08
N ARG A 168 17.29 -2.51 17.68
CA ARG A 168 16.44 -1.78 18.55
C ARG A 168 15.07 -2.44 18.77
N PHE A 169 14.54 -3.08 17.71
CA PHE A 169 13.19 -3.60 17.73
C PHE A 169 13.06 -5.11 17.65
N THR A 170 14.16 -5.84 17.79
CA THR A 170 14.09 -7.30 17.80
C THR A 170 15.14 -7.80 18.76
N GLY A 171 15.19 -9.12 18.96
CA GLY A 171 16.24 -9.76 19.75
C GLY A 171 17.25 -10.46 18.83
N LEU A 172 17.19 -10.18 17.55
CA LEU A 172 18.13 -10.80 16.60
C LEU A 172 19.54 -10.20 16.72
N ARG A 173 20.52 -11.07 16.68
CA ARG A 173 21.93 -10.66 16.64
CA ARG A 173 21.93 -10.65 16.64
C ARG A 173 22.26 -10.18 15.21
N ILE A 174 23.02 -9.10 15.08
CA ILE A 174 23.42 -8.59 13.76
C ILE A 174 24.52 -9.48 13.17
N GLN A 175 24.33 -9.97 11.96
CA GLN A 175 25.33 -10.78 11.33
C GLN A 175 25.78 -10.00 10.08
N GLN A 176 26.74 -10.59 9.35
CA GLN A 176 27.33 -9.94 8.18
C GLN A 176 26.30 -9.69 7.08
N ARG A 177 25.54 -10.72 6.71
CA ARG A 177 24.50 -10.60 5.66
C ARG A 177 23.08 -10.55 6.25
N LEU A 178 22.26 -9.64 5.73
CA LEU A 178 20.90 -9.45 6.28
C LEU A 178 20.15 -10.76 6.37
N GLU A 179 20.15 -11.52 5.29
CA GLU A 179 19.41 -12.77 5.29
C GLU A 179 19.79 -13.66 6.46
N ASP A 180 21.05 -13.60 6.89
CA ASP A 180 21.51 -14.41 8.02
C ASP A 180 21.07 -13.80 9.34
N THR A 181 21.19 -12.47 9.46
CA THR A 181 20.67 -11.75 10.62
C THR A 181 19.21 -12.10 10.88
N LEU A 182 18.40 -12.03 9.82
CA LEU A 182 16.98 -12.38 9.89
C LEU A 182 16.70 -13.90 10.00
N GLU A 183 17.74 -14.71 10.07
CA GLU A 183 17.60 -16.15 10.25
C GLU A 183 16.78 -16.77 9.11
N LEU A 184 17.03 -16.34 7.89
CA LEU A 184 16.29 -16.89 6.78
C LEU A 184 16.97 -18.13 6.22
N PRO A 185 16.15 -19.11 5.83
CA PRO A 185 16.76 -20.27 5.21
C PRO A 185 17.56 -19.90 3.96
N PRO A 186 18.60 -20.67 3.66
CA PRO A 186 19.35 -20.38 2.44
C PRO A 186 18.48 -20.55 1.20
N LEU A 187 18.96 -19.96 0.11
CA LEU A 187 18.23 -19.98 -1.14
C LEU A 187 18.28 -21.41 -1.70
N PRO A 188 17.11 -22.11 -1.79
CA PRO A 188 17.14 -23.49 -2.30
C PRO A 188 17.65 -23.51 -3.74
N GLU A 189 18.23 -24.63 -4.16
CA GLU A 189 18.73 -24.73 -5.54
C GLU A 189 17.65 -24.36 -6.57
N THR A 190 16.44 -24.88 -6.37
CA THR A 190 15.29 -24.56 -7.21
C THR A 190 15.33 -23.09 -7.65
N ALA A 191 15.36 -22.21 -6.65
CA ALA A 191 15.32 -20.76 -6.85
C ALA A 191 16.58 -20.22 -7.52
N GLN A 192 17.73 -20.70 -7.08
CA GLN A 192 19.00 -20.22 -7.64
CA GLN A 192 19.00 -20.25 -7.64
C GLN A 192 18.99 -20.44 -9.16
N ARG A 193 18.48 -21.58 -9.59
CA ARG A 193 18.38 -21.88 -11.01
C ARG A 193 17.38 -20.96 -11.71
N ILE A 194 16.23 -20.71 -11.07
CA ILE A 194 15.23 -19.78 -11.65
C ILE A 194 15.90 -18.43 -11.85
N ILE A 195 16.54 -17.92 -10.79
CA ILE A 195 17.31 -16.65 -10.81
C ILE A 195 18.35 -16.57 -11.94
N HIS A 196 19.05 -17.67 -12.19
CA HIS A 196 20.02 -17.68 -13.27
C HIS A 196 19.27 -17.54 -14.57
N LEU A 197 18.34 -18.45 -14.83
CA LEU A 197 17.51 -18.41 -16.05
C LEU A 197 16.85 -17.04 -16.28
N ARG A 198 16.31 -16.44 -15.21
CA ARG A 198 15.53 -15.18 -15.28
C ARG A 198 16.31 -13.95 -15.74
N VAL A 199 17.48 -13.72 -15.12
CA VAL A 199 18.42 -12.66 -15.54
C VAL A 199 19.08 -13.03 -16.91
N ASN A 200 19.14 -14.33 -17.19
CA ASN A 200 19.65 -14.86 -18.46
C ASN A 200 18.62 -14.78 -19.60
N PRO A 201 19.02 -14.23 -20.78
CA PRO A 201 18.25 -14.40 -22.04
C PRO A 201 19.06 -15.19 -23.09
N ASN A 202 19.26 -16.49 -22.85
CA ASN A 202 20.20 -17.28 -23.66
C ASN A 202 19.61 -18.47 -24.41
N ALA A 203 18.62 -19.16 -23.81
CA ALA A 203 18.09 -20.40 -24.43
C ALA A 203 16.64 -20.86 -24.01
N VAL A 204 16.41 -22.15 -24.24
CA VAL A 204 15.10 -22.77 -24.38
C VAL A 204 14.04 -22.82 -23.24
N GLY A 206 12.74 -25.67 -22.75
CA GLY A 206 13.14 -26.92 -22.12
C GLY A 206 14.03 -26.76 -20.91
N ASP A 207 14.74 -25.63 -20.84
CA ASP A 207 15.51 -25.26 -19.64
C ASP A 207 14.57 -25.00 -18.46
N LEU A 208 13.47 -24.28 -18.74
CA LEU A 208 12.46 -24.00 -17.70
C LEU A 208 11.76 -25.29 -17.30
N VAL A 209 11.40 -26.12 -18.28
CA VAL A 209 10.79 -27.41 -17.96
C VAL A 209 11.68 -28.24 -17.04
N ASP A 210 13.00 -28.25 -17.30
CA ASP A 210 13.97 -28.99 -16.46
C ASP A 210 13.93 -28.55 -15.00
N VAL A 211 13.97 -27.23 -14.81
CA VAL A 211 13.90 -26.64 -13.49
C VAL A 211 12.62 -27.09 -12.79
N VAL A 212 11.48 -26.93 -13.45
CA VAL A 212 10.19 -27.28 -12.82
C VAL A 212 10.16 -28.78 -12.44
N GLU A 213 10.73 -29.64 -13.29
CA GLU A 213 10.76 -31.08 -13.02
C GLU A 213 11.72 -31.50 -11.89
N SER A 214 12.66 -30.64 -11.53
CA SER A 214 13.57 -30.89 -10.42
C SER A 214 12.94 -30.66 -9.05
N ASP A 215 11.99 -29.73 -8.99
CA ASP A 215 11.28 -29.37 -7.76
C ASP A 215 9.87 -29.97 -7.85
N PRO A 216 9.65 -31.16 -7.27
CA PRO A 216 8.36 -31.85 -7.49
C PRO A 216 7.13 -31.10 -6.98
N SER A 217 7.28 -30.30 -5.92
CA SER A 217 6.17 -29.46 -5.43
C SER A 217 5.81 -28.34 -6.45
N LEU A 218 6.83 -27.68 -7.02
CA LEU A 218 6.63 -26.72 -8.12
C LEU A 218 5.98 -27.40 -9.34
N ALA A 219 6.50 -28.56 -9.74
CA ALA A 219 5.90 -29.36 -10.80
C ALA A 219 4.42 -29.67 -10.52
N ALA A 220 4.10 -29.92 -9.25
CA ALA A 220 2.72 -30.21 -8.83
C ALA A 220 1.81 -29.00 -9.04
N GLN A 221 2.20 -27.85 -8.50
CA GLN A 221 1.42 -26.60 -8.63
C GLN A 221 1.27 -26.13 -10.07
N VAL A 222 2.35 -26.28 -10.84
CA VAL A 222 2.35 -25.85 -12.22
C VAL A 222 1.29 -26.64 -12.96
N VAL A 223 1.27 -27.95 -12.74
CA VAL A 223 0.29 -28.81 -13.40
C VAL A 223 -1.11 -28.45 -12.86
N SER A 224 -1.20 -28.21 -11.55
CA SER A 224 -2.43 -27.73 -10.92
C SER A 224 -2.91 -26.46 -11.65
N TRP A 225 -2.10 -25.39 -11.56
CA TRP A 225 -2.43 -24.11 -12.21
C TRP A 225 -3.03 -24.34 -13.59
N ALA A 226 -2.32 -25.13 -14.40
CA ALA A 226 -2.71 -25.39 -15.78
C ALA A 226 -4.02 -26.15 -15.92
N SER A 227 -4.33 -27.03 -14.98
CA SER A 227 -5.56 -27.86 -15.08
C SER A 227 -6.75 -27.33 -14.25
N SER A 228 -6.59 -26.17 -13.62
CA SER A 228 -7.64 -25.58 -12.81
C SER A 228 -8.72 -24.95 -13.70
N SER A 229 -9.79 -24.45 -13.06
CA SER A 229 -10.95 -23.82 -13.72
C SER A 229 -10.58 -22.55 -14.48
N PHE A 230 -9.70 -21.75 -13.87
CA PHE A 230 -9.19 -20.51 -14.45
C PHE A 230 -8.59 -20.73 -15.86
N TYR A 231 -7.84 -21.82 -16.03
CA TYR A 231 -7.27 -22.20 -17.34
C TYR A 231 -7.97 -23.39 -17.98
N ALA A 232 -9.00 -23.93 -17.30
CA ALA A 232 -9.70 -25.16 -17.75
C ALA A 232 -10.03 -25.19 -19.24
N ALA A 233 -10.23 -24.03 -19.86
CA ALA A 233 -10.40 -23.90 -21.33
C ALA A 233 -9.26 -24.58 -22.13
N ALA A 234 -8.18 -24.96 -21.43
CA ALA A 234 -7.09 -25.76 -22.00
C ALA A 234 -7.47 -27.21 -22.36
N GLY A 235 -8.07 -27.92 -21.41
CA GLY A 235 -8.43 -29.34 -21.60
C GLY A 235 -7.53 -30.26 -20.79
N ARG A 236 -7.21 -31.43 -21.37
CA ARG A 236 -6.34 -32.42 -20.71
C ARG A 236 -4.92 -31.91 -20.64
N VAL A 237 -4.40 -31.73 -19.41
CA VAL A 237 -3.01 -31.31 -19.16
C VAL A 237 -2.11 -32.56 -19.14
N HIS A 238 -1.25 -32.70 -20.14
CA HIS A 238 -0.46 -33.92 -20.36
C HIS A 238 0.80 -34.08 -19.48
N SER A 239 1.53 -32.99 -19.23
CA SER A 239 2.84 -33.05 -18.61
C SER A 239 3.19 -31.68 -18.10
N VAL A 240 4.39 -31.55 -17.54
CA VAL A 240 4.91 -30.24 -17.16
C VAL A 240 5.25 -29.42 -18.40
N HIS A 241 5.89 -30.04 -19.40
CA HIS A 241 6.18 -29.33 -20.65
C HIS A 241 4.91 -28.73 -21.20
N ASP A 242 3.84 -29.51 -21.18
CA ASP A 242 2.56 -29.08 -21.74
C ASP A 242 1.94 -27.90 -20.96
N ALA A 243 1.99 -27.98 -19.64
CA ALA A 243 1.46 -26.91 -18.79
C ALA A 243 2.16 -25.58 -19.04
N VAL A 244 3.48 -25.60 -19.17
CA VAL A 244 4.30 -24.40 -19.35
C VAL A 244 4.24 -23.85 -20.78
N SER A 245 4.52 -24.69 -21.79
CA SER A 245 4.59 -24.18 -23.17
C SER A 245 3.23 -23.89 -23.81
N ARG A 246 2.17 -24.59 -23.40
CA ARG A 246 0.84 -24.46 -24.06
C ARG A 246 -0.18 -23.66 -23.27
N VAL A 247 -0.32 -23.98 -21.99
CA VAL A 247 -1.41 -23.45 -21.16
C VAL A 247 -1.06 -22.12 -20.45
N LEU A 248 0.02 -22.11 -19.68
CA LEU A 248 0.43 -20.98 -18.85
C LEU A 248 1.36 -19.98 -19.56
N GLY A 249 2.50 -20.46 -20.05
CA GLY A 249 3.47 -19.61 -20.72
C GLY A 249 4.77 -19.52 -19.96
N PHE A 250 5.84 -19.31 -20.72
CA PHE A 250 7.21 -19.26 -20.24
C PHE A 250 7.49 -18.24 -19.14
N ASP A 251 7.28 -16.96 -19.45
CA ASP A 251 7.50 -15.91 -18.47
C ASP A 251 6.60 -16.06 -17.26
N LEU A 252 5.33 -16.37 -17.45
CA LEU A 252 4.41 -16.43 -16.31
C LEU A 252 4.91 -17.47 -15.32
N VAL A 253 5.22 -18.66 -15.83
CA VAL A 253 5.69 -19.73 -14.97
C VAL A 253 7.00 -19.39 -14.29
N ASN A 255 7.99 -16.41 -13.48
CA ASN A 255 7.76 -15.35 -12.54
C ASN A 255 7.02 -15.84 -11.33
N LEU A 256 5.95 -16.60 -11.53
CA LEU A 256 5.19 -17.13 -10.41
C LEU A 256 6.08 -18.10 -9.58
N ALA A 257 6.87 -18.93 -10.26
CA ALA A 257 7.82 -19.85 -9.61
C ALA A 257 8.74 -19.13 -8.71
N GLY A 259 8.26 -16.17 -7.46
CA GLY A 259 7.48 -15.61 -6.38
C GLY A 259 7.27 -16.61 -5.27
N LEU A 260 6.96 -17.88 -5.61
CA LEU A 260 6.71 -18.90 -4.57
C LEU A 260 7.98 -19.24 -3.85
N ALA A 261 9.07 -19.35 -4.60
CA ALA A 261 10.37 -19.71 -4.04
C ALA A 261 10.85 -18.68 -3.03
N LEU A 262 10.82 -17.42 -3.39
CA LEU A 262 11.26 -16.39 -2.44
C LEU A 262 10.38 -16.30 -1.17
N GLY A 263 9.10 -16.69 -1.25
CA GLY A 263 8.21 -16.64 -0.09
C GLY A 263 8.10 -17.86 0.81
N ARG A 264 8.73 -18.99 0.43
CA ARG A 264 8.72 -20.21 1.27
C ARG A 264 9.60 -19.99 2.50
N ALA A 265 10.52 -19.03 2.36
CA ALA A 265 11.42 -18.61 3.42
C ALA A 265 10.71 -17.87 4.60
N LEU A 266 9.44 -17.52 4.38
CA LEU A 266 8.72 -16.63 5.26
C LEU A 266 7.38 -17.19 5.76
N LYS A 267 7.04 -16.80 6.98
CA LYS A 267 5.77 -17.16 7.57
C LYS A 267 4.69 -16.26 7.00
N HIS A 268 3.45 -16.70 7.19
CA HIS A 268 2.27 -15.90 6.90
C HIS A 268 2.23 -14.76 7.90
N PRO A 269 1.93 -13.56 7.43
CA PRO A 269 1.73 -12.48 8.36
C PRO A 269 0.64 -12.83 9.35
N GLN A 270 0.77 -12.36 10.59
CA GLN A 270 -0.20 -12.62 11.65
C GLN A 270 -1.21 -11.48 11.91
N ASP A 271 -1.17 -10.48 11.04
CA ASP A 271 -2.12 -9.40 11.12
C ASP A 271 -2.25 -8.85 9.69
N HIS A 272 -3.17 -7.93 9.52
CA HIS A 272 -3.48 -7.36 8.21
C HIS A 272 -4.25 -6.09 8.38
N PRO A 273 -4.04 -5.13 7.48
CA PRO A 273 -4.87 -3.93 7.62
C PRO A 273 -6.25 -4.17 6.99
N ASP A 274 -7.29 -4.15 7.82
CA ASP A 274 -8.64 -4.32 7.35
C ASP A 274 -9.04 -3.34 6.27
N GLY A 275 -9.64 -3.87 5.22
CA GLY A 275 -10.11 -3.05 4.11
C GLY A 275 -9.08 -3.00 2.99
N TYR A 276 -7.89 -3.48 3.25
CA TYR A 276 -6.85 -3.54 2.23
C TYR A 276 -6.88 -4.90 1.59
N VAL A 277 -6.59 -4.97 0.30
CA VAL A 277 -6.51 -6.24 -0.40
C VAL A 277 -5.46 -7.13 0.25
N ASP A 278 -5.62 -8.42 0.08
CA ASP A 278 -4.73 -9.41 0.60
C ASP A 278 -3.43 -9.45 -0.21
N TYR A 279 -2.41 -10.05 0.37
CA TYR A 279 -1.07 -10.04 -0.23
C TYR A 279 -1.01 -10.45 -1.72
N TRP A 280 -1.52 -11.63 -2.07
CA TRP A 280 -1.48 -12.11 -3.46
C TRP A 280 -2.31 -11.26 -4.42
N GLN A 281 -3.41 -10.66 -3.97
CA GLN A 281 -4.18 -9.76 -4.84
C GLN A 281 -3.36 -8.52 -5.18
N GLN A 282 -2.73 -7.92 -4.19
CA GLN A 282 -1.84 -6.79 -4.42
C GLN A 282 -0.70 -7.19 -5.36
N ALA A 283 -0.15 -8.39 -5.23
CA ALA A 283 0.95 -8.78 -6.09
C ALA A 283 0.48 -8.89 -7.53
N ILE A 284 -0.65 -9.56 -7.75
CA ILE A 284 -1.15 -9.82 -9.09
C ILE A 284 -1.60 -8.53 -9.74
N TRP A 285 -2.24 -7.65 -9.01
CA TRP A 285 -2.67 -6.36 -9.54
C TRP A 285 -1.49 -5.55 -10.11
N GLN A 286 -0.46 -5.36 -9.31
CA GLN A 286 0.75 -4.63 -9.76
C GLN A 286 1.57 -5.38 -10.84
N ALA A 287 1.60 -6.71 -10.77
CA ALA A 287 2.30 -7.50 -11.80
C ALA A 287 1.64 -7.27 -13.18
N GLN A 288 0.32 -7.39 -13.23
CA GLN A 288 -0.43 -7.19 -14.48
C GLN A 288 -0.32 -5.71 -14.95
N SER A 289 -0.43 -4.79 -13.99
CA SER A 289 -0.31 -3.36 -14.24
C SER A 289 1.02 -3.02 -14.88
N ALA A 290 2.09 -3.46 -14.25
CA ALA A 290 3.45 -3.17 -14.73
C ALA A 290 3.65 -3.75 -16.13
N GLY A 291 3.17 -4.95 -16.36
CA GLY A 291 3.29 -5.55 -17.68
C GLY A 291 2.53 -4.80 -18.78
N ILE A 292 1.35 -4.27 -18.46
CA ILE A 292 0.57 -3.48 -19.40
C ILE A 292 1.31 -2.19 -19.68
N LEU A 293 1.78 -1.51 -18.64
CA LEU A 293 2.44 -0.24 -18.85
C LEU A 293 3.71 -0.42 -19.66
N ALA A 294 4.47 -1.49 -19.39
CA ALA A 294 5.70 -1.74 -20.13
C ALA A 294 5.37 -1.93 -21.60
N SER A 295 4.41 -2.78 -21.89
CA SER A 295 4.02 -3.05 -23.28
C SER A 295 3.55 -1.80 -24.06
N PRO A 298 7.13 3.24 -25.91
CA PRO A 298 7.55 3.21 -27.35
C PRO A 298 8.60 2.14 -27.63
N ARG A 299 8.73 1.64 -28.87
CA ARG A 299 9.73 0.56 -29.19
C ARG A 299 11.14 0.79 -28.63
N GLY A 300 11.73 1.93 -29.00
CA GLY A 300 13.12 2.21 -28.58
C GLY A 300 13.35 2.47 -27.10
N GLN A 301 12.32 2.31 -26.28
CA GLN A 301 12.38 2.68 -24.86
C GLN A 301 11.61 1.66 -23.97
N ARG A 302 11.29 0.50 -24.52
CA ARG A 302 10.40 -0.45 -23.89
C ARG A 302 11.11 -1.41 -22.90
N PRO A 303 10.71 -1.41 -21.61
CA PRO A 303 11.30 -2.36 -20.67
C PRO A 303 10.93 -3.81 -20.96
N LEU A 304 11.69 -4.75 -20.41
CA LEU A 304 11.47 -6.17 -20.64
C LEU A 304 10.22 -6.55 -19.88
N PHE A 305 9.24 -7.13 -20.58
CA PHE A 305 7.92 -7.43 -20.00
C PHE A 305 8.04 -8.36 -18.77
N GLY A 306 8.87 -9.39 -18.91
CA GLY A 306 9.05 -10.39 -17.87
C GLY A 306 9.56 -9.83 -16.56
N LEU A 307 10.46 -8.85 -16.65
CA LEU A 307 11.01 -8.23 -15.48
C LEU A 307 10.04 -7.22 -14.91
N ALA A 308 9.24 -6.60 -15.75
CA ALA A 308 8.27 -5.62 -15.28
C ALA A 308 7.21 -6.37 -14.49
N TYR A 309 6.68 -7.46 -15.06
CA TYR A 309 5.69 -8.28 -14.37
C TYR A 309 6.26 -8.79 -13.03
N LEU A 310 7.53 -9.19 -13.05
CA LEU A 310 8.18 -9.74 -11.84
C LEU A 310 8.31 -8.70 -10.74
N ALA A 311 8.78 -7.53 -11.13
CA ALA A 311 8.85 -6.38 -10.25
C ALA A 311 7.49 -6.11 -9.63
N GLY A 312 6.45 -6.15 -10.45
CA GLY A 312 5.09 -5.98 -9.92
C GLY A 312 4.69 -7.07 -8.93
N LEU A 313 4.96 -8.32 -9.29
CA LEU A 313 4.59 -9.45 -8.45
C LEU A 313 5.31 -9.36 -7.10
N LEU A 314 6.55 -8.88 -7.10
CA LEU A 314 7.36 -8.81 -5.90
C LEU A 314 7.37 -7.45 -5.20
N HIS A 315 6.65 -6.47 -5.71
CA HIS A 315 6.83 -5.10 -5.20
C HIS A 315 6.63 -4.93 -3.70
N ASN A 316 5.78 -5.80 -3.15
CA ASN A 316 5.32 -5.68 -1.80
C ASN A 316 5.85 -6.83 -0.91
N PHE A 317 6.95 -7.41 -1.29
CA PHE A 317 7.46 -8.56 -0.61
C PHE A 317 7.91 -8.24 0.81
N GLY A 318 8.29 -7.00 1.02
CA GLY A 318 8.74 -6.58 2.34
C GLY A 318 7.65 -6.62 3.41
N HIS A 319 6.40 -6.75 2.98
CA HIS A 319 5.22 -6.88 3.86
C HIS A 319 5.40 -8.19 4.65
N LEU A 320 5.80 -9.24 3.94
CA LEU A 320 6.04 -10.55 4.53
C LEU A 320 7.23 -10.47 5.49
N VAL A 321 8.28 -9.78 5.09
CA VAL A 321 9.46 -9.68 5.92
C VAL A 321 9.17 -8.90 7.20
N LEU A 322 8.61 -7.69 7.07
CA LEU A 322 8.27 -6.93 8.25
C LEU A 322 7.33 -7.71 9.20
N ALA A 323 6.31 -8.35 8.65
CA ALA A 323 5.35 -9.08 9.51
C ALA A 323 6.07 -10.13 10.33
N GLN A 324 7.04 -10.81 9.71
CA GLN A 324 7.79 -11.85 10.37
C GLN A 324 8.90 -11.36 11.27
N VAL A 325 9.54 -10.24 10.91
CA VAL A 325 10.72 -9.79 11.67
C VAL A 325 10.32 -8.89 12.82
N PHE A 326 9.27 -8.09 12.65
CA PHE A 326 8.87 -7.10 13.66
C PHE A 326 7.37 -7.26 13.97
N PRO A 327 6.92 -8.46 14.36
CA PRO A 327 5.46 -8.68 14.53
C PRO A 327 4.68 -7.64 15.30
N PRO A 328 5.11 -7.24 16.49
CA PRO A 328 4.28 -6.24 17.18
C PRO A 328 4.25 -4.88 16.51
N HIS A 329 5.37 -4.43 15.94
CA HIS A 329 5.36 -3.19 15.17
C HIS A 329 4.53 -3.33 13.86
N PHE A 330 4.55 -4.49 13.20
CA PHE A 330 3.68 -4.69 12.04
C PHE A 330 2.18 -4.57 12.45
N LYS A 331 1.84 -4.98 13.67
CA LYS A 331 0.52 -4.77 14.16
C LYS A 331 0.23 -3.29 14.16
N LEU A 332 1.14 -2.50 14.70
CA LEU A 332 0.92 -1.04 14.74
C LEU A 332 0.79 -0.43 13.36
N VAL A 333 1.59 -0.92 12.43
CA VAL A 333 1.53 -0.49 11.05
C VAL A 333 0.14 -0.79 10.49
N CYS A 334 -0.37 -2.01 10.71
CA CYS A 334 -1.68 -2.40 10.22
C CYS A 334 -2.77 -1.47 10.77
N ARG A 335 -2.72 -1.19 12.08
CA ARG A 335 -3.76 -0.34 12.67
C ARG A 335 -3.70 1.10 12.12
N SER A 336 -2.49 1.58 11.88
CA SER A 336 -2.25 2.92 11.37
C SER A 336 -2.67 3.09 9.91
N LEU A 337 -2.43 2.05 9.13
CA LEU A 337 -2.92 1.99 7.75
C LEU A 337 -4.44 2.02 7.67
N GLU A 338 -5.11 1.43 8.65
CA GLU A 338 -6.58 1.43 8.65
C GLU A 338 -7.12 2.82 8.95
N VAL A 339 -6.51 3.51 9.92
CA VAL A 339 -7.02 4.83 10.35
C VAL A 339 -6.55 5.95 9.44
N SER A 340 -5.41 5.78 8.78
CA SER A 340 -4.91 6.77 7.79
C SER A 340 -4.62 6.08 6.42
N PRO A 341 -5.67 5.69 5.71
CA PRO A 341 -5.51 5.06 4.41
C PRO A 341 -5.02 6.00 3.30
N HIS A 342 -4.96 7.28 3.58
CA HIS A 342 -4.48 8.30 2.65
CA HIS A 342 -4.44 8.21 2.58
C HIS A 342 -2.99 8.61 2.90
N ILE A 343 -2.37 7.90 3.86
CA ILE A 343 -0.92 8.04 4.16
C ILE A 343 -0.26 6.76 3.71
N ASP A 344 0.82 6.86 2.95
CA ASP A 344 1.52 5.68 2.45
C ASP A 344 2.18 4.91 3.60
N SER A 345 2.28 3.61 3.43
CA SER A 345 2.94 2.78 4.36
C SER A 345 4.39 3.17 4.62
N SER A 346 5.08 3.78 3.63
CA SER A 346 6.48 4.16 3.80
C SER A 346 6.60 5.15 4.95
N VAL A 347 5.62 6.05 5.04
CA VAL A 347 5.60 7.09 6.05
C VAL A 347 5.36 6.53 7.46
N ILE A 348 4.33 5.68 7.55
CA ILE A 348 3.96 5.03 8.80
C ILE A 348 5.12 4.14 9.27
N GLU A 349 5.68 3.37 8.36
CA GLU A 349 6.79 2.47 8.71
C GLU A 349 8.01 3.23 9.13
N HIS A 350 8.33 4.30 8.40
CA HIS A 350 9.47 5.08 8.81
C HIS A 350 9.27 5.66 10.21
N TYR A 351 8.06 6.18 10.50
CA TYR A 351 7.77 6.76 11.78
C TYR A 351 7.90 5.76 12.94
N LEU A 352 7.43 4.51 12.70
CA LEU A 352 7.49 3.42 13.71
C LEU A 352 8.83 2.71 13.84
N LEU A 353 9.44 2.37 12.70
CA LEU A 353 10.66 1.55 12.66
C LEU A 353 11.93 2.25 12.15
N GLY A 354 11.79 3.39 11.48
CA GLY A 354 12.93 4.05 10.81
C GLY A 354 13.42 3.34 9.55
N ILE A 355 12.63 2.41 9.02
CA ILE A 355 12.91 1.69 7.81
C ILE A 355 11.56 1.39 7.17
N THR A 356 11.56 0.97 5.92
CA THR A 356 10.36 0.66 5.17
C THR A 356 10.40 -0.76 4.61
N ARG A 357 9.26 -1.25 4.16
CA ARG A 357 9.21 -2.54 3.47
C ARG A 357 9.99 -2.57 2.13
N GLU A 358 10.14 -1.41 1.51
CA GLU A 358 10.90 -1.25 0.28
C GLU A 358 12.38 -1.45 0.57
N GLN A 359 12.87 -0.86 1.66
CA GLN A 359 14.28 -1.02 2.00
C GLN A 359 14.58 -2.47 2.31
N ILE A 360 13.82 -3.09 3.22
CA ILE A 360 14.15 -4.45 3.67
C ILE A 360 14.04 -5.49 2.53
N ALA A 361 12.98 -5.41 1.72
CA ALA A 361 12.87 -6.30 0.57
C ALA A 361 14.02 -6.10 -0.41
N ALA A 362 14.35 -4.85 -0.73
CA ALA A 362 15.35 -4.57 -1.79
C ALA A 362 16.67 -5.09 -1.35
N GLN A 363 17.01 -4.91 -0.09
CA GLN A 363 18.28 -5.44 0.43
C GLN A 363 18.34 -6.97 0.33
N LEU A 364 17.25 -7.65 0.70
CA LEU A 364 17.23 -9.11 0.51
C LEU A 364 17.34 -9.51 -0.98
N GLU A 366 18.90 -7.97 -3.38
CA GLU A 366 20.26 -7.78 -3.82
C GLU A 366 21.16 -8.89 -3.29
N ASN A 367 21.04 -9.19 -2.00
CA ASN A 367 21.88 -10.24 -1.40
C ASN A 367 21.58 -11.56 -2.04
N TRP A 368 20.36 -11.75 -2.52
CA TRP A 368 19.99 -13.03 -3.15
C TRP A 368 20.40 -13.14 -4.62
N GLY A 369 20.91 -12.04 -5.18
CA GLY A 369 21.34 -12.00 -6.56
C GLY A 369 20.22 -11.88 -7.57
N PRO A 371 17.80 -9.78 -10.28
CA PRO A 371 18.08 -8.77 -11.27
C PRO A 371 17.97 -7.38 -10.68
N ASP A 372 18.98 -6.56 -10.88
CA ASP A 372 18.93 -5.17 -10.46
C ASP A 372 17.64 -4.43 -10.82
N GLU A 373 17.08 -4.72 -12.00
CA GLU A 373 15.80 -4.19 -12.43
C GLU A 373 14.72 -4.34 -11.36
N VAL A 374 14.61 -5.57 -10.84
CA VAL A 374 13.66 -5.88 -9.80
C VAL A 374 14.05 -5.23 -8.47
N THR A 375 15.30 -5.41 -8.05
CA THR A 375 15.81 -4.84 -6.79
C THR A 375 15.60 -3.35 -6.71
N LEU A 376 15.97 -2.68 -7.79
CA LEU A 376 15.91 -1.23 -7.81
C LEU A 376 14.47 -0.77 -7.92
N ALA A 377 13.65 -1.48 -8.71
CA ALA A 377 12.24 -1.16 -8.79
C ALA A 377 11.62 -1.24 -7.40
N ILE A 378 11.91 -2.32 -6.68
CA ILE A 378 11.33 -2.50 -5.33
C ILE A 378 11.76 -1.36 -4.38
N ARG A 379 13.03 -1.00 -4.46
CA ARG A 379 13.61 -0.01 -3.57
C ARG A 379 13.08 1.38 -3.82
N TYR A 380 12.81 1.73 -5.07
CA TYR A 380 12.42 3.11 -5.39
C TYR A 380 11.00 3.30 -5.90
N GLN A 381 10.17 2.26 -5.76
CA GLN A 381 8.77 2.36 -6.21
C GLN A 381 8.02 3.52 -5.57
N LYS A 382 8.41 3.95 -4.36
CA LYS A 382 7.71 5.09 -3.71
C LYS A 382 8.33 6.45 -4.02
N ASN A 383 9.41 6.47 -4.83
CA ASN A 383 10.12 7.70 -5.24
C ASN A 383 9.99 7.95 -6.74
N PRO A 384 9.00 8.74 -7.14
CA PRO A 384 8.79 9.09 -8.56
C PRO A 384 9.90 9.95 -9.20
N ALA A 385 10.81 10.52 -8.40
CA ALA A 385 11.96 11.29 -8.93
C ALA A 385 13.22 10.45 -8.99
N TYR A 386 13.17 9.19 -8.57
CA TYR A 386 14.34 8.33 -8.67
C TYR A 386 14.80 8.31 -10.12
N ASP A 387 16.08 8.66 -10.32
CA ASP A 387 16.76 8.88 -11.65
C ASP A 387 17.82 7.86 -11.98
N GLY A 388 18.11 6.95 -11.07
CA GLY A 388 19.29 6.08 -11.18
C GLY A 388 19.10 4.95 -12.15
N PRO A 389 20.04 4.00 -12.16
CA PRO A 389 19.91 2.83 -13.04
C PRO A 389 18.54 2.17 -12.87
N HIS A 390 17.98 1.77 -13.99
CA HIS A 390 16.72 1.03 -14.04
C HIS A 390 15.51 1.77 -13.42
N ASN A 391 15.55 3.10 -13.48
CA ASN A 391 14.47 3.90 -12.90
C ASN A 391 13.09 3.68 -13.59
N VAL A 392 13.09 3.24 -14.84
CA VAL A 392 11.82 3.01 -15.55
C VAL A 392 10.99 1.94 -14.80
N TYR A 393 11.65 0.92 -14.27
CA TYR A 393 10.95 -0.15 -13.55
C TYR A 393 10.35 0.37 -12.23
N ALA A 394 11.07 1.23 -11.55
CA ALA A 394 10.59 1.82 -10.31
C ALA A 394 9.44 2.72 -10.66
N ARG A 395 9.52 3.39 -11.80
CA ARG A 395 8.46 4.28 -12.20
C ARG A 395 7.20 3.54 -12.69
N LEU A 396 7.37 2.40 -13.35
CA LEU A 396 6.23 1.59 -13.74
C LEU A 396 5.41 1.20 -12.48
N LEU A 397 6.09 0.78 -11.40
CA LEU A 397 5.40 0.48 -10.13
C LEU A 397 4.67 1.69 -9.57
N TRP A 398 5.34 2.86 -9.52
CA TRP A 398 4.74 4.10 -8.94
C TRP A 398 3.50 4.47 -9.74
N LEU A 399 3.62 4.49 -11.06
CA LEU A 399 2.49 4.84 -11.89
C LEU A 399 1.34 3.84 -11.71
N GLY A 400 1.66 2.56 -11.71
CA GLY A 400 0.65 1.55 -11.49
C GLY A 400 -0.13 1.76 -10.21
N ARG A 401 0.61 2.05 -9.14
CA ARG A 401 0.04 2.26 -7.84
C ARG A 401 -0.97 3.40 -7.86
N GLN A 402 -0.66 4.45 -8.60
CA GLN A 402 -1.50 5.62 -8.56
C GLN A 402 -2.76 5.37 -9.41
N LEU A 403 -2.61 4.74 -10.55
CA LEU A 403 -3.76 4.46 -11.42
C LEU A 403 -4.69 3.46 -10.77
N LEU A 404 -4.16 2.43 -10.10
CA LEU A 404 -5.04 1.40 -9.50
C LEU A 404 -5.78 1.98 -8.28
N THR A 405 -5.08 2.73 -7.43
CA THR A 405 -5.69 3.29 -6.24
C THR A 405 -6.72 4.35 -6.54
N GLU A 406 -6.55 5.12 -7.60
CA GLU A 406 -7.56 6.10 -7.94
C GLU A 406 -8.86 5.48 -8.50
N ARG A 407 -8.79 4.23 -8.93
CA ARG A 407 -9.96 3.50 -9.39
C ARG A 407 -10.50 2.62 -8.28
N GLY A 408 -10.01 2.82 -7.04
CA GLY A 408 -10.54 2.12 -5.87
C GLY A 408 -10.00 0.74 -5.50
N VAL A 409 -8.98 0.25 -6.23
CA VAL A 409 -8.31 -0.98 -5.80
C VAL A 409 -7.65 -0.65 -4.46
N ALA A 410 -7.89 -1.49 -3.44
CA ALA A 410 -7.53 -1.15 -2.05
C ALA A 410 -6.08 -1.51 -1.65
N LEU A 411 -5.12 -0.84 -2.30
CA LEU A 411 -3.68 -1.00 -2.03
C LEU A 411 -3.16 -0.02 -0.99
N GLY A 412 -3.98 0.97 -0.69
CA GLY A 412 -3.65 2.07 0.20
C GLY A 412 -3.53 3.42 -0.53
N ALA A 413 -2.80 4.33 0.12
CA ALA A 413 -2.62 5.71 -0.33
C ALA A 413 -2.21 5.78 -1.78
N GLY A 414 -2.71 6.81 -2.45
CA GLY A 414 -2.35 7.08 -3.85
C GLY A 414 -2.46 8.55 -4.19
N GLU A 415 -1.78 9.00 -5.24
CA GLU A 415 -1.76 10.44 -5.63
C GLU A 415 -2.23 10.53 -7.06
N SER A 416 -2.20 11.72 -7.62
CA SER A 416 -2.52 11.87 -9.03
C SER A 416 -1.27 11.51 -9.83
N ALA A 417 -1.46 10.78 -10.92
CA ALA A 417 -0.35 10.54 -11.83
C ALA A 417 -0.23 11.86 -12.60
N THR A 418 0.89 12.51 -12.42
CA THR A 418 1.12 13.80 -13.03
C THR A 418 1.49 13.65 -14.52
N GLN A 419 1.25 14.70 -15.29
CA GLN A 419 1.61 14.65 -16.70
C GLN A 419 3.12 14.38 -16.95
N ALA A 420 3.96 14.90 -16.05
CA ALA A 420 5.41 14.75 -16.14
C ALA A 420 5.79 13.30 -16.31
N VAL A 421 5.15 12.42 -15.53
CA VAL A 421 5.44 10.98 -15.60
C VAL A 421 5.04 10.33 -16.94
N TYR A 422 3.88 10.67 -17.47
CA TYR A 422 3.44 10.14 -18.75
C TYR A 422 4.39 10.62 -19.88
N ASP A 423 4.83 11.89 -19.82
CA ASP A 423 5.76 12.43 -20.82
C ASP A 423 7.10 11.72 -20.75
N GLU A 424 7.56 11.50 -19.53
CA GLU A 424 8.81 10.80 -19.28
C GLU A 424 8.78 9.39 -19.84
N LEU A 425 7.69 8.67 -19.62
CA LEU A 425 7.61 7.28 -20.06
C LEU A 425 7.14 7.14 -21.51
N GLY A 426 6.94 8.26 -22.22
CA GLY A 426 6.43 8.24 -23.60
C GLY A 426 5.06 7.58 -23.76
N LEU A 427 4.20 7.76 -22.77
CA LEU A 427 2.84 7.17 -22.74
C LEU A 427 1.82 8.24 -23.01
N ASP A 428 0.76 7.88 -23.72
CA ASP A 428 -0.44 8.75 -23.88
C ASP A 428 -1.38 8.51 -22.70
N ARG A 429 -1.77 9.58 -22.01
CA ARG A 429 -2.63 9.51 -20.83
C ARG A 429 -4.00 8.90 -21.12
N GLU A 430 -4.67 9.34 -22.16
CA GLU A 430 -6.01 8.80 -22.43
C GLU A 430 -5.94 7.30 -22.66
N LEU A 431 -4.96 6.86 -23.44
CA LEU A 431 -4.81 5.47 -23.76
C LEU A 431 -4.56 4.67 -22.48
N VAL A 432 -3.65 5.15 -21.63
CA VAL A 432 -3.38 4.48 -20.37
C VAL A 432 -4.65 4.38 -19.49
N GLN A 433 -5.41 5.47 -19.46
CA GLN A 433 -6.63 5.53 -18.70
C GLN A 433 -7.62 4.49 -19.20
N GLU A 434 -7.75 4.29 -20.50
CA GLU A 434 -8.68 3.25 -20.94
C GLU A 434 -8.17 1.83 -20.63
N GLN A 435 -6.86 1.57 -20.69
CA GLN A 435 -6.39 0.25 -20.30
C GLN A 435 -6.62 0.00 -18.79
N PHE A 436 -6.39 1.00 -17.98
CA PHE A 436 -6.61 0.85 -16.53
C PHE A 436 -8.08 0.79 -16.09
N ASP A 437 -8.97 1.47 -16.79
CA ASP A 437 -10.41 1.28 -16.52
C ASP A 437 -10.75 -0.16 -16.87
N GLU A 438 -10.24 -0.68 -17.96
CA GLU A 438 -10.51 -2.07 -18.24
C GLU A 438 -9.84 -3.02 -17.23
N LEU A 439 -8.60 -2.76 -16.85
CA LEU A 439 -7.94 -3.66 -15.90
C LEU A 439 -8.74 -3.80 -14.61
N VAL A 440 -9.27 -2.69 -14.11
CA VAL A 440 -10.03 -2.73 -12.86
C VAL A 440 -11.33 -3.51 -13.00
N ARG A 441 -11.95 -3.48 -14.18
CA ARG A 441 -13.11 -4.33 -14.48
C ARG A 441 -12.76 -5.83 -14.46
N ARG A 442 -11.50 -6.19 -14.55
CA ARG A 442 -11.09 -7.59 -14.49
C ARG A 442 -10.76 -8.04 -13.06
N LYS A 443 -11.25 -7.30 -12.06
CA LYS A 443 -11.12 -7.64 -10.64
C LYS A 443 -11.37 -9.10 -10.28
N ASP A 444 -12.45 -9.67 -10.82
CA ASP A 444 -12.80 -11.08 -10.51
C ASP A 444 -11.74 -12.06 -10.95
N SER A 445 -11.13 -11.80 -12.10
CA SER A 445 -10.10 -12.71 -12.55
C SER A 445 -8.73 -12.41 -11.83
N ILE A 446 -8.49 -11.16 -11.41
CA ILE A 446 -7.32 -10.83 -10.54
C ILE A 446 -7.48 -11.64 -9.27
N ALA A 448 -9.17 -14.38 -8.70
CA ALA A 448 -9.09 -15.83 -8.92
C ALA A 448 -7.63 -16.26 -9.07
N ALA A 450 -5.14 -14.83 -7.79
CA ALA A 450 -4.51 -14.65 -6.49
C ALA A 450 -4.91 -15.80 -5.55
N GLY A 451 -6.17 -16.23 -5.61
CA GLY A 451 -6.64 -17.38 -4.83
C GLY A 451 -5.86 -18.66 -5.11
N SER A 454 -2.64 -18.30 -3.38
CA SER A 454 -2.85 -18.53 -1.93
C SER A 454 -2.98 -20.04 -1.58
N GLN A 455 -3.95 -20.74 -2.20
CA GLN A 455 -4.25 -22.19 -1.95
C GLN A 455 -3.01 -23.03 -1.75
#